data_7WML
#
_entry.id   7WML
#
_cell.length_a   107.810
_cell.length_b   107.810
_cell.length_c   57.510
_cell.angle_alpha   90.000
_cell.angle_beta   90.000
_cell.angle_gamma   90.000
#
_symmetry.space_group_name_H-M   'P 43 21 2'
#
loop_
_entity.id
_entity.type
_entity.pdbx_description
1 polymer 'Isoform Beta-2 of Thyroid hormone receptor beta'
2 polymer 'Nuclear receptor coactivator 2'
3 non-polymer '2-[[7-[4-(3,5-dimethylphenyl)carbonyl-2,6-dimethyl-phenoxy]-1-ethoxy-4-oxidanyl-isoquinolin-3-yl]carbonylamino]ethanoic acid'
4 water water
#
loop_
_entity_poly.entity_id
_entity_poly.type
_entity_poly.pdbx_seq_one_letter_code
_entity_poly.pdbx_strand_id
1 'polypeptide(L)'
;EELQKSIGHKPEPTDEEWELIKTVTEAHVATNAQGSHWKQKRKFLPEDIGQAPIVNAPEGGKVDLEAFSHFTKIITPAIT
RVVDFAKKLPMFCELPCEDQIILLKGCCMEIMSLRAAVRYDPESETLTLNGEMAVTRGQLKNGGLGVVSDAIFDLGMSLS
SFNLDDTEVALLQAVLLMSSDRPGLACVERIEKYQDSFLLAFEHYINYRKHHVTHFWPKLLMKVTDLRMIGACHASRFLH
MKVECPTELFPPLFLEVFED
;
A
2 'polypeptide(L)' ENALLRYLLDK B
#
loop_
_chem_comp.id
_chem_comp.type
_chem_comp.name
_chem_comp.formula
9IQ non-polymer '2-[[7-[4-(3,5-dimethylphenyl)carbonyl-2,6-dimethyl-phenoxy]-1-ethoxy-4-oxidanyl-isoquinolin-3-yl]carbonylamino]ethanoic acid' 'C31 H30 N2 O7'
#
# COMPACT_ATOMS: atom_id res chain seq x y z
N LYS A 10 -19.62 -15.17 -16.53
CA LYS A 10 -18.87 -14.50 -15.41
C LYS A 10 -19.11 -12.99 -15.46
N PRO A 11 -19.75 -12.41 -14.43
CA PRO A 11 -20.17 -11.01 -14.45
C PRO A 11 -19.01 -10.02 -14.64
N GLU A 12 -19.11 -9.16 -15.65
CA GLU A 12 -18.10 -8.14 -16.03
C GLU A 12 -18.58 -6.78 -15.56
N PRO A 13 -17.71 -5.76 -15.50
CA PRO A 13 -18.02 -4.54 -14.76
C PRO A 13 -19.14 -3.73 -15.42
N THR A 14 -19.98 -3.16 -14.57
CA THR A 14 -21.07 -2.25 -15.01
C THR A 14 -20.47 -0.92 -15.45
N ASP A 15 -21.31 0.05 -15.81
CA ASP A 15 -20.82 1.37 -16.28
C ASP A 15 -20.47 2.25 -15.09
N GLU A 16 -21.27 2.23 -14.01
CA GLU A 16 -20.93 3.00 -12.80
C GLU A 16 -19.60 2.46 -12.25
N GLU A 17 -19.35 1.16 -12.46
CA GLU A 17 -18.13 0.46 -11.98
C GLU A 17 -16.94 0.77 -12.89
N TRP A 18 -17.16 0.84 -14.20
CA TRP A 18 -16.11 1.30 -15.14
C TRP A 18 -15.64 2.70 -14.73
N GLU A 19 -16.54 3.53 -14.22
CA GLU A 19 -16.13 4.92 -13.88
C GLU A 19 -15.35 4.91 -12.57
N LEU A 20 -15.75 4.05 -11.63
CA LEU A 20 -15.05 3.86 -10.33
C LEU A 20 -13.66 3.26 -10.58
N ILE A 21 -13.53 2.39 -11.57
CA ILE A 21 -12.21 1.84 -11.98
C ILE A 21 -11.36 2.96 -12.58
N LYS A 22 -11.97 3.82 -13.39
CA LYS A 22 -11.23 4.96 -14.00
C LYS A 22 -10.74 5.89 -12.90
N THR A 23 -11.64 6.21 -11.95
CA THR A 23 -11.31 7.09 -10.81
C THR A 23 -10.08 6.56 -10.06
N VAL A 24 -10.14 5.30 -9.59
CA VAL A 24 -9.07 4.72 -8.73
C VAL A 24 -7.81 4.52 -9.55
N THR A 25 -7.92 3.98 -10.75
CA THR A 25 -6.68 3.73 -11.53
C THR A 25 -5.90 5.03 -11.67
N GLU A 26 -6.58 6.09 -12.05
CA GLU A 26 -5.93 7.40 -12.27
C GLU A 26 -5.29 7.89 -10.98
N ALA A 27 -6.03 7.86 -9.87
CA ALA A 27 -5.48 8.35 -8.58
C ALA A 27 -4.20 7.57 -8.24
N HIS A 28 -4.15 6.31 -8.60
CA HIS A 28 -2.99 5.46 -8.28
C HIS A 28 -1.85 5.81 -9.24
N VAL A 29 -2.14 5.79 -10.52
CA VAL A 29 -1.09 6.13 -11.53
C VAL A 29 -0.49 7.50 -11.16
N ALA A 30 -1.33 8.46 -10.80
CA ALA A 30 -0.90 9.85 -10.50
C ALA A 30 0.03 9.87 -9.28
N THR A 31 -0.06 8.89 -8.38
CA THR A 31 0.67 8.91 -7.08
C THR A 31 1.67 7.76 -7.01
N ASN A 32 2.04 7.22 -8.15
CA ASN A 32 2.96 6.05 -8.20
C ASN A 32 4.29 6.44 -8.87
N ALA A 33 5.39 6.26 -8.15
CA ALA A 33 6.68 6.88 -8.48
C ALA A 33 7.20 6.35 -9.83
N GLN A 34 7.34 7.24 -10.82
CA GLN A 34 8.04 7.02 -12.12
C GLN A 34 7.43 5.86 -12.93
N GLY A 35 6.20 5.43 -12.63
CA GLY A 35 5.54 4.38 -13.43
C GLY A 35 5.82 4.60 -14.91
N TRP A 38 10.50 3.31 -14.48
CA TRP A 38 11.03 3.14 -13.09
C TRP A 38 12.12 2.07 -13.03
N LYS A 39 11.95 0.96 -13.76
CA LYS A 39 12.99 -0.10 -13.87
C LYS A 39 14.24 0.51 -14.51
N GLN A 40 14.07 1.63 -15.24
CA GLN A 40 15.15 2.29 -16.00
C GLN A 40 15.92 3.24 -15.06
N LYS A 41 15.21 3.85 -14.13
CA LYS A 41 15.71 4.94 -13.25
C LYS A 41 16.15 4.37 -11.90
N ARG A 42 16.67 3.13 -11.90
CA ARG A 42 16.99 2.35 -10.67
C ARG A 42 18.34 2.75 -10.08
N LYS A 43 18.55 2.32 -8.84
CA LYS A 43 19.71 2.67 -7.96
C LYS A 43 19.87 1.53 -6.95
N PHE A 44 20.67 0.53 -7.31
CA PHE A 44 20.90 -0.66 -6.47
C PHE A 44 21.73 -0.24 -5.25
N LEU A 45 21.12 -0.23 -4.07
CA LEU A 45 21.83 0.02 -2.80
C LEU A 45 22.99 -0.99 -2.71
N PRO A 46 24.15 -0.57 -2.14
CA PRO A 46 25.37 -1.38 -1.99
C PRO A 46 25.25 -2.89 -2.21
N LYS A 62 20.89 -4.33 17.54
CA LYS A 62 21.91 -5.14 16.82
C LYS A 62 22.08 -4.58 15.38
N VAL A 63 21.01 -4.01 14.82
CA VAL A 63 20.91 -3.63 13.38
C VAL A 63 21.39 -2.18 13.21
N ASP A 64 22.24 -1.95 12.21
CA ASP A 64 22.93 -0.65 12.01
C ASP A 64 21.88 0.43 11.74
N LEU A 65 21.88 1.48 12.57
CA LEU A 65 21.03 2.68 12.33
C LEU A 65 21.53 3.42 11.09
N GLU A 66 22.69 3.03 10.56
CA GLU A 66 23.15 3.48 9.20
C GLU A 66 22.21 2.91 8.13
N ALA A 67 21.66 1.73 8.35
CA ALA A 67 20.67 1.14 7.43
C ALA A 67 19.40 1.99 7.50
N PHE A 68 19.00 2.36 8.71
CA PHE A 68 17.86 3.29 8.98
C PHE A 68 17.93 4.54 8.11
N SER A 69 19.09 5.16 8.05
CA SER A 69 19.24 6.46 7.35
C SER A 69 18.66 6.36 5.95
N HIS A 70 19.19 5.47 5.11
CA HIS A 70 18.77 5.33 3.69
C HIS A 70 17.25 5.11 3.64
N PHE A 71 16.69 4.38 4.62
CA PHE A 71 15.29 3.91 4.62
C PHE A 71 14.35 4.98 5.17
N THR A 72 14.62 5.45 6.37
CA THR A 72 13.78 6.50 7.00
C THR A 72 13.78 7.75 6.11
N LYS A 73 14.87 8.04 5.43
CA LYS A 73 14.89 9.21 4.52
C LYS A 73 13.97 9.02 3.32
N ILE A 74 13.70 7.78 2.90
CA ILE A 74 12.81 7.51 1.73
C ILE A 74 11.38 7.21 2.20
N ILE A 75 11.15 7.10 3.50
CA ILE A 75 9.81 6.74 4.02
C ILE A 75 8.84 7.89 3.77
N THR A 76 9.23 9.12 4.03
CA THR A 76 8.27 10.25 4.05
C THR A 76 7.72 10.47 2.64
N PRO A 77 8.56 10.48 1.60
CA PRO A 77 8.03 10.67 0.25
C PRO A 77 7.06 9.55 -0.11
N ALA A 78 7.23 8.35 0.46
CA ALA A 78 6.35 7.17 0.18
C ALA A 78 5.01 7.32 0.90
N ILE A 79 5.06 7.64 2.19
CA ILE A 79 3.85 7.96 2.99
C ILE A 79 3.06 9.04 2.27
N THR A 80 3.73 10.08 1.81
CA THR A 80 3.01 11.22 1.21
C THR A 80 2.24 10.72 -0.01
N ARG A 81 2.87 9.89 -0.84
CA ARG A 81 2.20 9.41 -2.06
C ARG A 81 0.91 8.68 -1.70
N VAL A 82 0.94 7.87 -0.65
CA VAL A 82 -0.28 7.19 -0.15
C VAL A 82 -1.32 8.23 0.27
N VAL A 83 -0.89 9.27 0.98
CA VAL A 83 -1.83 10.33 1.41
C VAL A 83 -2.47 10.92 0.16
N ASP A 84 -1.68 11.09 -0.90
CA ASP A 84 -2.16 11.76 -2.14
C ASP A 84 -3.14 10.86 -2.88
N PHE A 85 -2.86 9.57 -2.96
CA PHE A 85 -3.80 8.56 -3.54
C PHE A 85 -5.14 8.64 -2.81
N ALA A 86 -5.12 8.62 -1.48
CA ALA A 86 -6.35 8.68 -0.65
C ALA A 86 -7.17 9.89 -1.04
N LYS A 87 -6.53 11.06 -1.04
CA LYS A 87 -7.22 12.35 -1.27
C LYS A 87 -7.88 12.39 -2.64
N LYS A 88 -7.34 11.67 -3.61
CA LYS A 88 -7.85 11.64 -5.01
C LYS A 88 -8.98 10.63 -5.18
N LEU A 89 -9.44 10.00 -4.10
CA LEU A 89 -10.72 9.22 -4.12
C LEU A 89 -11.81 10.05 -3.44
N PRO A 90 -12.87 10.47 -4.16
CA PRO A 90 -13.90 11.29 -3.54
C PRO A 90 -14.43 10.65 -2.26
N MET A 91 -14.76 9.37 -2.32
CA MET A 91 -15.33 8.66 -1.15
C MET A 91 -14.49 8.98 0.08
N PHE A 92 -13.16 8.98 -0.04
CA PHE A 92 -12.26 9.23 1.11
C PHE A 92 -12.47 10.65 1.63
N CYS A 93 -12.55 11.64 0.72
CA CYS A 93 -12.70 13.08 1.07
C CYS A 93 -14.03 13.36 1.76
N GLU A 94 -15.01 12.49 1.59
CA GLU A 94 -16.35 12.66 2.21
C GLU A 94 -16.38 12.24 3.68
N LEU A 95 -15.29 11.71 4.25
CA LEU A 95 -15.30 11.22 5.64
C LEU A 95 -14.81 12.33 6.55
N PRO A 96 -15.15 12.30 7.85
CA PRO A 96 -14.55 13.22 8.81
C PRO A 96 -13.05 12.98 9.01
N CYS A 97 -12.29 14.08 9.11
CA CYS A 97 -10.82 14.06 9.18
C CYS A 97 -10.33 12.99 10.17
N GLU A 98 -10.94 12.88 11.35
CA GLU A 98 -10.45 11.92 12.37
C GLU A 98 -10.59 10.50 11.84
N ASP A 99 -11.57 10.28 10.95
CA ASP A 99 -11.71 8.99 10.24
C ASP A 99 -10.60 8.87 9.18
N GLN A 100 -10.40 9.91 8.38
CA GLN A 100 -9.36 9.88 7.32
C GLN A 100 -8.01 9.54 7.96
N ILE A 101 -7.67 10.17 9.07
CA ILE A 101 -6.40 9.92 9.83
C ILE A 101 -6.31 8.43 10.15
N ILE A 102 -7.38 7.87 10.69
CA ILE A 102 -7.34 6.46 11.18
C ILE A 102 -7.19 5.53 9.99
N LEU A 103 -7.98 5.73 8.94
CA LEU A 103 -7.85 4.93 7.69
C LEU A 103 -6.43 5.05 7.08
N LEU A 104 -5.79 6.21 7.13
CA LEU A 104 -4.43 6.37 6.55
C LEU A 104 -3.37 5.71 7.43
N LYS A 105 -3.52 5.82 8.74
CA LYS A 105 -2.61 5.11 9.67
C LYS A 105 -2.67 3.61 9.39
N GLY A 106 -3.87 3.07 9.27
CA GLY A 106 -4.07 1.61 9.22
C GLY A 106 -3.59 0.97 7.94
N CYS A 107 -3.46 1.72 6.83
CA CYS A 107 -3.20 1.07 5.52
C CYS A 107 -1.93 1.56 4.84
N CYS A 108 -1.35 2.62 5.33
CA CYS A 108 -0.13 3.19 4.73
C CYS A 108 0.94 2.12 4.50
N MET A 109 1.38 1.41 5.53
CA MET A 109 2.39 0.37 5.29
C MET A 109 1.84 -0.74 4.36
N GLU A 110 0.56 -1.07 4.45
CA GLU A 110 -0.02 -2.11 3.57
C GLU A 110 0.14 -1.66 2.12
N ILE A 111 0.02 -0.38 1.84
CA ILE A 111 -0.01 0.11 0.45
C ILE A 111 1.42 0.29 -0.02
N MET A 112 2.25 0.96 0.77
CA MET A 112 3.69 1.02 0.40
C MET A 112 4.24 -0.39 0.15
N SER A 113 3.75 -1.36 0.90
CA SER A 113 4.24 -2.77 0.79
C SER A 113 3.73 -3.44 -0.49
N LEU A 114 2.45 -3.22 -0.84
CA LEU A 114 1.94 -3.75 -2.13
C LEU A 114 2.75 -3.10 -3.24
N ARG A 115 3.03 -1.82 -3.07
CA ARG A 115 3.61 -1.02 -4.18
C ARG A 115 5.01 -1.47 -4.46
N ALA A 116 5.71 -1.94 -3.44
CA ALA A 116 7.09 -2.44 -3.65
C ALA A 116 6.98 -3.87 -4.18
N ALA A 117 6.01 -4.62 -3.71
CA ALA A 117 5.93 -6.05 -4.06
C ALA A 117 5.64 -6.21 -5.53
N VAL A 118 4.77 -5.38 -6.10
CA VAL A 118 4.50 -5.52 -7.56
C VAL A 118 5.75 -5.11 -8.34
N ARG A 119 6.76 -4.53 -7.69
CA ARG A 119 7.98 -4.10 -8.42
C ARG A 119 9.14 -5.03 -8.10
N TYR A 120 8.82 -6.26 -7.70
CA TYR A 120 9.84 -7.31 -7.46
C TYR A 120 10.37 -7.75 -8.82
N ASP A 121 11.70 -7.80 -8.95
CA ASP A 121 12.34 -8.28 -10.19
C ASP A 121 13.03 -9.60 -9.91
N PRO A 122 12.56 -10.72 -10.51
CA PRO A 122 13.05 -12.05 -10.15
C PRO A 122 14.52 -12.24 -10.57
N GLU A 123 14.99 -11.43 -11.53
CA GLU A 123 16.38 -11.54 -12.03
C GLU A 123 17.34 -10.98 -10.98
N SER A 124 17.11 -9.76 -10.52
CA SER A 124 17.92 -9.11 -9.46
C SER A 124 17.50 -9.60 -8.08
N GLU A 125 16.29 -10.14 -7.97
CA GLU A 125 15.68 -10.52 -6.67
C GLU A 125 15.62 -9.30 -5.77
N THR A 126 15.06 -8.21 -6.31
CA THR A 126 14.98 -6.92 -5.61
C THR A 126 13.58 -6.36 -5.66
N LEU A 127 13.30 -5.52 -4.69
CA LEU A 127 12.12 -4.63 -4.68
C LEU A 127 12.59 -3.25 -5.04
N THR A 128 11.71 -2.47 -5.66
CA THR A 128 12.06 -1.09 -6.04
C THR A 128 11.24 -0.17 -5.14
N LEU A 129 11.94 0.62 -4.33
CA LEU A 129 11.28 1.55 -3.39
C LEU A 129 11.33 2.95 -3.98
N ASN A 130 10.20 3.65 -3.95
CA ASN A 130 10.11 5.04 -4.45
C ASN A 130 10.41 5.09 -5.95
N GLY A 131 10.19 4.00 -6.67
CA GLY A 131 10.46 3.94 -8.13
C GLY A 131 11.93 3.93 -8.51
N GLU A 132 12.89 4.06 -7.58
CA GLU A 132 14.33 4.16 -7.95
C GLU A 132 15.23 3.22 -7.14
N MET A 133 15.11 3.15 -5.82
CA MET A 133 16.06 2.38 -4.99
C MET A 133 15.70 0.89 -5.01
N ALA A 134 16.64 0.06 -5.47
CA ALA A 134 16.46 -1.40 -5.50
C ALA A 134 17.07 -1.99 -4.24
N VAL A 135 16.25 -2.62 -3.42
CA VAL A 135 16.71 -3.27 -2.16
C VAL A 135 16.61 -4.78 -2.31
N THR A 136 17.37 -5.51 -1.49
CA THR A 136 17.32 -6.99 -1.43
C THR A 136 16.66 -7.45 -0.14
N ARG A 137 16.27 -8.72 -0.12
CA ARG A 137 15.72 -9.30 1.12
C ARG A 137 16.57 -8.86 2.31
N GLY A 138 17.90 -9.04 2.18
CA GLY A 138 18.86 -8.83 3.27
C GLY A 138 18.95 -7.38 3.70
N GLN A 139 18.99 -6.45 2.77
CA GLN A 139 19.09 -5.02 3.15
C GLN A 139 17.85 -4.66 3.97
N LEU A 140 16.65 -4.95 3.45
CA LEU A 140 15.36 -4.53 4.06
C LEU A 140 15.26 -5.10 5.47
N LYS A 141 15.74 -6.33 5.67
CA LYS A 141 15.61 -7.03 6.97
C LYS A 141 16.58 -6.40 7.98
N ASN A 142 17.86 -6.42 7.62
CA ASN A 142 18.93 -5.81 8.46
C ASN A 142 18.76 -4.29 8.48
N GLY A 143 18.06 -3.72 7.51
CA GLY A 143 17.66 -2.31 7.60
C GLY A 143 16.66 -2.05 8.71
N GLY A 144 16.22 -3.11 9.42
CA GLY A 144 15.31 -2.96 10.59
C GLY A 144 13.91 -3.53 10.39
N LEU A 145 13.55 -4.03 9.21
CA LEU A 145 12.17 -4.54 9.00
C LEU A 145 11.99 -5.94 9.60
N GLY A 146 13.07 -6.71 9.69
CA GLY A 146 13.02 -8.03 10.31
C GLY A 146 12.25 -9.02 9.47
N VAL A 147 11.47 -9.86 10.13
CA VAL A 147 10.67 -10.89 9.44
C VAL A 147 9.67 -10.25 8.44
N VAL A 148 9.19 -9.05 8.70
CA VAL A 148 8.28 -8.37 7.75
C VAL A 148 8.95 -8.29 6.38
N SER A 149 10.26 -8.25 6.35
CA SER A 149 10.99 -8.23 5.07
C SER A 149 10.73 -9.53 4.30
N ASP A 150 10.80 -10.66 4.96
CA ASP A 150 10.59 -11.94 4.27
C ASP A 150 9.15 -11.99 3.74
N ALA A 151 8.17 -11.54 4.52
CA ALA A 151 6.74 -11.46 4.13
C ALA A 151 6.53 -10.67 2.84
N ILE A 152 7.18 -9.53 2.69
CA ILE A 152 6.99 -8.63 1.52
C ILE A 152 7.69 -9.24 0.29
N PHE A 153 8.91 -9.73 0.44
CA PHE A 153 9.58 -10.45 -0.67
C PHE A 153 8.74 -11.65 -1.12
N ASP A 154 8.30 -12.46 -0.18
CA ASP A 154 7.44 -13.63 -0.50
C ASP A 154 6.19 -13.19 -1.27
N LEU A 155 5.56 -12.07 -0.88
CA LEU A 155 4.36 -11.56 -1.58
C LEU A 155 4.75 -11.22 -3.02
N GLY A 156 5.79 -10.42 -3.19
CA GLY A 156 6.26 -9.99 -4.53
C GLY A 156 6.56 -11.20 -5.42
N MET A 157 7.34 -12.13 -4.91
CA MET A 157 7.61 -13.39 -5.66
C MET A 157 6.29 -14.01 -6.12
N SER A 158 5.32 -14.11 -5.21
CA SER A 158 4.09 -14.88 -5.50
C SER A 158 3.12 -14.03 -6.31
N LEU A 159 3.38 -12.73 -6.43
CA LEU A 159 2.54 -11.79 -7.20
C LEU A 159 3.04 -11.69 -8.65
N SER A 160 4.15 -12.33 -8.98
CA SER A 160 4.72 -12.25 -10.34
C SER A 160 3.75 -12.88 -11.32
N SER A 161 3.32 -14.10 -11.07
CA SER A 161 2.41 -14.83 -12.00
C SER A 161 1.02 -14.19 -12.04
N PHE A 162 0.71 -13.24 -11.17
CA PHE A 162 -0.66 -12.64 -11.08
C PHE A 162 -0.84 -11.59 -12.20
N ASN A 163 0.27 -11.02 -12.64
CA ASN A 163 0.33 -9.96 -13.69
C ASN A 163 -0.72 -8.87 -13.42
N LEU A 164 -0.72 -8.38 -12.18
CA LEU A 164 -1.62 -7.28 -11.74
C LEU A 164 -1.25 -6.06 -12.59
N ASP A 165 -2.25 -5.41 -13.19
CA ASP A 165 -2.08 -4.16 -13.96
C ASP A 165 -2.37 -3.00 -13.01
N ASP A 166 -2.26 -1.76 -13.48
CA ASP A 166 -2.45 -0.57 -12.62
C ASP A 166 -3.86 -0.51 -12.04
N THR A 167 -4.87 -0.98 -12.76
CA THR A 167 -6.26 -0.99 -12.22
C THR A 167 -6.39 -2.01 -11.08
N GLU A 168 -5.81 -3.17 -11.24
CA GLU A 168 -5.89 -4.19 -10.17
C GLU A 168 -5.16 -3.68 -8.93
N VAL A 169 -4.02 -3.06 -9.09
CA VAL A 169 -3.28 -2.62 -7.90
C VAL A 169 -4.10 -1.53 -7.20
N ALA A 170 -4.45 -0.48 -7.94
CA ALA A 170 -5.25 0.64 -7.39
C ALA A 170 -6.48 0.10 -6.66
N LEU A 171 -7.10 -0.94 -7.20
CA LEU A 171 -8.31 -1.52 -6.57
C LEU A 171 -8.01 -2.23 -5.24
N LEU A 172 -6.95 -3.05 -5.19
CA LEU A 172 -6.40 -3.58 -3.92
C LEU A 172 -6.15 -2.44 -2.94
N GLN A 173 -5.51 -1.34 -3.38
CA GLN A 173 -5.24 -0.21 -2.46
C GLN A 173 -6.56 0.33 -1.90
N ALA A 174 -7.58 0.50 -2.72
CA ALA A 174 -8.88 1.07 -2.25
C ALA A 174 -9.51 0.12 -1.25
N VAL A 175 -9.38 -1.17 -1.47
CA VAL A 175 -9.92 -2.14 -0.50
C VAL A 175 -9.17 -1.94 0.82
N LEU A 176 -7.84 -1.94 0.83
CA LEU A 176 -7.10 -1.79 2.11
C LEU A 176 -7.47 -0.47 2.78
N LEU A 177 -7.51 0.60 2.01
CA LEU A 177 -7.81 1.94 2.54
C LEU A 177 -9.18 1.91 3.26
N MET A 178 -10.21 1.44 2.56
CA MET A 178 -11.60 1.47 3.04
C MET A 178 -11.85 0.25 3.93
N SER A 179 -11.11 0.17 5.04
CA SER A 179 -11.23 -0.94 6.02
C SER A 179 -12.02 -0.51 7.25
N SER A 180 -13.20 -1.10 7.45
CA SER A 180 -14.21 -0.71 8.50
C SER A 180 -13.80 -1.10 9.91
N ASP A 181 -12.83 -2.00 10.08
CA ASP A 181 -12.50 -2.59 11.41
C ASP A 181 -11.31 -1.88 12.03
N ARG A 182 -11.09 -0.62 11.73
CA ARG A 182 -9.91 0.02 12.36
C ARG A 182 -10.35 0.70 13.64
N PRO A 183 -9.56 0.56 14.72
CA PRO A 183 -9.98 1.05 16.02
C PRO A 183 -10.26 2.56 16.01
N GLY A 184 -11.40 2.95 16.55
CA GLY A 184 -11.76 4.37 16.76
C GLY A 184 -12.66 4.94 15.67
N LEU A 185 -12.90 4.20 14.58
CA LEU A 185 -13.63 4.74 13.41
C LEU A 185 -15.02 5.17 13.85
N ALA A 186 -15.52 6.25 13.26
CA ALA A 186 -16.86 6.80 13.53
C ALA A 186 -17.86 6.31 12.47
N CYS A 187 -17.46 6.23 11.21
CA CYS A 187 -18.36 5.96 10.06
C CYS A 187 -18.27 4.51 9.58
N VAL A 188 -18.17 3.60 10.52
CA VAL A 188 -17.93 2.16 10.21
C VAL A 188 -18.86 1.73 9.09
N GLU A 189 -20.10 2.17 9.11
CA GLU A 189 -21.14 1.71 8.15
C GLU A 189 -20.89 2.30 6.77
N ARG A 190 -20.59 3.59 6.69
CA ARG A 190 -20.34 4.22 5.37
C ARG A 190 -19.12 3.55 4.75
N ILE A 191 -18.02 3.49 5.52
CA ILE A 191 -16.71 2.94 5.04
C ILE A 191 -16.94 1.53 4.50
N GLU A 192 -17.58 0.68 5.28
CA GLU A 192 -17.89 -0.69 4.82
C GLU A 192 -18.62 -0.66 3.49
N LYS A 193 -19.55 0.28 3.31
CA LYS A 193 -20.37 0.35 2.07
C LYS A 193 -19.48 0.66 0.87
N TYR A 194 -18.52 1.57 1.03
CA TYR A 194 -17.50 1.89 -0.01
C TYR A 194 -16.65 0.66 -0.35
N GLN A 195 -16.14 -0.05 0.65
CA GLN A 195 -15.28 -1.23 0.39
C GLN A 195 -16.05 -2.30 -0.37
N ASP A 196 -17.32 -2.53 -0.03
CA ASP A 196 -18.18 -3.51 -0.76
C ASP A 196 -18.15 -3.09 -2.23
N SER A 197 -18.21 -1.77 -2.49
CA SER A 197 -18.28 -1.21 -3.86
C SER A 197 -17.03 -1.59 -4.66
N PHE A 198 -15.87 -1.19 -4.18
CA PHE A 198 -14.58 -1.54 -4.78
C PHE A 198 -14.46 -3.07 -4.93
N LEU A 199 -14.93 -3.83 -3.95
CA LEU A 199 -14.76 -5.31 -4.01
C LEU A 199 -15.51 -5.88 -5.21
N LEU A 200 -16.71 -5.35 -5.49
CA LEU A 200 -17.55 -5.80 -6.63
C LEU A 200 -16.96 -5.34 -7.97
N ALA A 201 -16.54 -4.07 -8.09
CA ALA A 201 -15.85 -3.59 -9.29
C ALA A 201 -14.60 -4.42 -9.53
N PHE A 202 -13.86 -4.72 -8.47
CA PHE A 202 -12.57 -5.45 -8.57
C PHE A 202 -12.83 -6.84 -9.14
N GLU A 203 -13.78 -7.55 -8.57
CA GLU A 203 -14.02 -8.92 -9.05
C GLU A 203 -14.56 -8.93 -10.48
N HIS A 204 -15.46 -8.00 -10.82
CA HIS A 204 -16.06 -7.92 -12.19
C HIS A 204 -15.00 -7.56 -13.22
N TYR A 205 -14.06 -6.72 -12.82
CA TYR A 205 -12.87 -6.42 -13.64
C TYR A 205 -11.98 -7.64 -13.73
N ILE A 206 -11.75 -8.35 -12.62
CA ILE A 206 -10.99 -9.63 -12.62
C ILE A 206 -11.65 -10.62 -13.57
N ASN A 207 -12.98 -10.70 -13.54
CA ASN A 207 -13.77 -11.56 -14.44
C ASN A 207 -13.53 -11.14 -15.88
N TYR A 208 -13.55 -9.83 -16.12
CA TYR A 208 -13.36 -9.24 -17.46
C TYR A 208 -11.97 -9.58 -18.02
N ARG A 209 -10.99 -9.78 -17.16
CA ARG A 209 -9.55 -9.80 -17.57
C ARG A 209 -9.10 -11.21 -17.87
N LYS A 210 -9.77 -12.19 -17.30
CA LYS A 210 -9.54 -13.64 -17.52
C LYS A 210 -8.06 -14.03 -17.42
N HIS A 211 -7.49 -13.82 -16.24
CA HIS A 211 -6.10 -14.23 -15.95
C HIS A 211 -5.97 -15.73 -16.14
N HIS A 212 -4.81 -16.17 -16.62
CA HIS A 212 -4.50 -17.60 -16.83
C HIS A 212 -3.99 -18.18 -15.51
N VAL A 213 -4.77 -17.98 -14.45
CA VAL A 213 -4.48 -18.50 -13.10
C VAL A 213 -5.80 -18.98 -12.52
N THR A 214 -5.73 -20.10 -11.80
CA THR A 214 -6.93 -20.80 -11.32
C THR A 214 -7.47 -20.08 -10.10
N HIS A 215 -8.79 -19.99 -9.97
CA HIS A 215 -9.44 -19.43 -8.76
C HIS A 215 -8.85 -18.06 -8.45
N PHE A 216 -8.71 -17.20 -9.46
CA PHE A 216 -7.97 -15.93 -9.31
C PHE A 216 -8.55 -15.10 -8.17
N TRP A 217 -9.86 -14.84 -8.17
CA TRP A 217 -10.48 -13.98 -7.14
C TRP A 217 -10.21 -14.53 -5.74
N PRO A 218 -10.56 -15.77 -5.37
CA PRO A 218 -10.17 -16.28 -4.07
C PRO A 218 -8.70 -15.97 -3.71
N LYS A 219 -7.76 -16.27 -4.60
CA LYS A 219 -6.32 -16.12 -4.26
C LYS A 219 -6.01 -14.67 -3.99
N LEU A 220 -6.66 -13.75 -4.68
CA LEU A 220 -6.42 -12.30 -4.42
C LEU A 220 -6.87 -11.97 -3.00
N LEU A 221 -8.02 -12.46 -2.57
CA LEU A 221 -8.53 -12.14 -1.21
C LEU A 221 -7.52 -12.65 -0.20
N MET A 222 -6.81 -13.72 -0.51
CA MET A 222 -5.75 -14.24 0.36
C MET A 222 -4.55 -13.28 0.38
N LYS A 223 -4.23 -12.69 -0.76
CA LYS A 223 -3.17 -11.67 -0.79
C LYS A 223 -3.58 -10.49 0.08
N VAL A 224 -4.88 -10.14 0.06
CA VAL A 224 -5.32 -8.98 0.89
C VAL A 224 -5.03 -9.31 2.34
N THR A 225 -5.30 -10.55 2.77
CA THR A 225 -4.94 -10.95 4.15
C THR A 225 -3.42 -10.92 4.33
N ASP A 226 -2.61 -11.36 3.36
CA ASP A 226 -1.12 -11.26 3.51
C ASP A 226 -0.74 -9.78 3.70
N LEU A 227 -1.34 -8.89 2.93
CA LEU A 227 -0.96 -7.45 3.05
C LEU A 227 -1.42 -6.94 4.43
N ARG A 228 -2.57 -7.40 4.93
CA ARG A 228 -3.03 -6.89 6.25
C ARG A 228 -2.19 -7.46 7.40
N MET A 229 -1.66 -8.66 7.23
CA MET A 229 -0.69 -9.17 8.24
C MET A 229 0.56 -8.27 8.22
N ILE A 230 1.04 -7.85 7.04
CA ILE A 230 2.27 -7.03 6.96
C ILE A 230 2.05 -5.75 7.75
N GLY A 231 0.84 -5.19 7.68
CA GLY A 231 0.56 -3.86 8.24
C GLY A 231 0.42 -3.96 9.74
N ALA A 232 -0.10 -5.09 10.25
CA ALA A 232 -0.27 -5.35 11.70
C ALA A 232 1.05 -5.69 12.39
N CYS A 233 1.99 -6.24 11.66
CA CYS A 233 3.28 -6.67 12.26
C CYS A 233 4.25 -5.50 12.29
N HIS A 234 4.20 -4.65 11.27
CA HIS A 234 5.02 -3.41 11.17
C HIS A 234 4.66 -2.51 12.36
N ALA A 235 3.36 -2.33 12.59
CA ALA A 235 2.82 -1.52 13.70
C ALA A 235 3.41 -2.06 15.01
N SER A 236 3.43 -3.37 15.18
CA SER A 236 3.88 -4.03 16.43
C SER A 236 5.39 -3.88 16.58
N ARG A 237 6.11 -3.82 15.45
CA ARG A 237 7.59 -3.80 15.51
C ARG A 237 8.10 -2.36 15.72
N PHE A 238 7.21 -1.37 15.53
CA PHE A 238 7.48 0.06 15.78
C PHE A 238 7.39 0.40 17.28
N LEU A 239 6.98 -0.54 18.15
CA LEU A 239 7.06 -0.37 19.62
C LEU A 239 8.47 -0.74 20.05
N HIS A 240 9.48 -0.13 19.43
CA HIS A 240 10.89 -0.29 19.82
C HIS A 240 11.44 1.06 20.29
N MET A 241 12.28 1.05 21.33
CA MET A 241 13.02 2.25 21.83
C MET A 241 13.93 2.82 20.71
N PRO A 246 16.39 6.77 19.87
CA PRO A 246 15.31 7.65 20.27
C PRO A 246 14.33 7.97 19.13
N THR A 247 13.16 8.49 19.47
CA THR A 247 12.09 8.82 18.49
C THR A 247 12.48 9.98 17.56
N GLU A 248 13.35 10.89 18.01
CA GLU A 248 13.77 12.09 17.22
C GLU A 248 14.61 11.65 16.03
N LEU A 249 15.15 10.42 16.09
CA LEU A 249 15.99 9.85 15.01
C LEU A 249 15.10 9.41 13.85
N PHE A 250 13.77 9.35 14.07
CA PHE A 250 12.82 8.81 13.09
C PHE A 250 12.06 9.97 12.44
N PRO A 251 11.98 10.06 11.09
CA PRO A 251 11.20 11.09 10.41
C PRO A 251 9.89 11.32 11.13
N PRO A 252 9.43 12.58 11.19
CA PRO A 252 8.20 12.90 11.90
C PRO A 252 6.90 12.39 11.28
N LEU A 253 6.78 12.28 9.95
CA LEU A 253 5.52 11.71 9.37
C LEU A 253 5.48 10.21 9.66
N PHE A 254 6.62 9.53 9.59
CA PHE A 254 6.70 8.08 9.92
C PHE A 254 6.12 7.84 11.30
N LEU A 255 6.43 8.72 12.26
CA LEU A 255 6.02 8.56 13.67
C LEU A 255 4.53 8.85 13.79
N GLU A 256 4.00 9.68 12.91
CA GLU A 256 2.56 10.06 12.97
C GLU A 256 1.70 9.00 12.30
N VAL A 257 2.30 8.00 11.66
CA VAL A 257 1.56 6.89 10.99
C VAL A 257 2.06 5.59 11.59
N PHE A 258 2.67 5.66 12.77
CA PHE A 258 3.27 4.50 13.47
C PHE A 258 3.75 3.46 12.45
N GLU B 1 0.54 15.50 17.53
CA GLU B 1 -0.60 14.55 17.55
C GLU B 1 -1.36 14.62 16.23
N ASN B 2 -0.86 13.88 15.24
CA ASN B 2 -1.44 13.84 13.88
C ASN B 2 -1.55 15.28 13.34
N ALA B 3 -0.59 16.13 13.69
CA ALA B 3 -0.55 17.54 13.24
C ALA B 3 -0.04 17.60 11.80
N LEU B 4 1.00 16.85 11.46
CA LEU B 4 1.54 16.84 10.09
C LEU B 4 0.57 16.13 9.15
N LEU B 5 0.06 14.96 9.56
CA LEU B 5 -0.99 14.25 8.81
C LEU B 5 -2.17 15.20 8.61
N ARG B 6 -2.67 15.77 9.70
CA ARG B 6 -3.84 16.68 9.61
C ARG B 6 -3.60 17.76 8.57
N TYR B 7 -2.40 18.33 8.56
CA TYR B 7 -2.02 19.41 7.61
C TYR B 7 -2.10 18.85 6.19
N LEU B 8 -1.42 17.73 5.93
CA LEU B 8 -1.30 17.17 4.57
C LEU B 8 -2.68 16.79 4.04
N LEU B 9 -3.64 16.56 4.94
CA LEU B 9 -5.01 16.14 4.57
C LEU B 9 -5.88 17.34 4.25
N ASP B 10 -5.76 18.45 5.01
CA ASP B 10 -6.60 19.66 4.75
C ASP B 10 -6.09 20.36 3.48
N LYS B 11 -4.77 20.43 3.27
CA LYS B 11 -4.14 21.19 2.16
C LYS B 11 -4.55 20.57 0.81
O6 9IQ C . 7.49 -1.05 2.10
C2 9IQ C . 7.98 0.06 1.51
C3 9IQ C . 8.98 0.74 2.25
C4 9IQ C . 9.39 0.27 3.50
C5 9IQ C . 10.33 0.95 4.20
C6 9IQ C . 10.94 2.10 3.69
C7 9IQ C . 10.54 2.59 2.48
C8 9IQ C . 9.55 1.92 1.72
C9 9IQ C . 9.09 2.37 0.43
C10 9IQ C . 8.09 1.61 -0.25
N1 9IQ C . 7.58 0.49 0.30
C11 9IQ C . 7.58 1.94 -1.62
O1 9IQ C . 8.03 1.39 -2.61
N2 9IQ C . 6.55 2.78 -1.70
C12 9IQ C . 5.87 2.97 -2.96
C13 9IQ C . 4.92 4.15 -3.01
O2 9IQ C . 4.84 4.74 -4.12
O3 9IQ C . 4.26 4.46 -1.96
O4 9IQ C . 9.56 3.48 -0.14
O5 9IQ C . 10.65 0.28 5.37
C14 9IQ C . 10.87 0.68 6.67
C15 9IQ C . 9.81 1.19 7.40
C16 9IQ C . 10.08 1.52 8.71
C17 9IQ C . 11.33 1.33 9.26
C18 9IQ C . 12.34 0.75 8.51
C19 9IQ C . 12.12 0.41 7.20
C1 9IQ C . 7.60 -2.27 1.36
C20 9IQ C . 11.27 0.53 11.66
C21 9IQ C . 10.16 -0.25 11.38
C22 9IQ C . 9.82 -1.32 12.19
C23 9IQ C . 10.63 -1.60 13.28
C24 9IQ C . 11.76 -0.86 13.58
C25 9IQ C . 12.08 0.21 12.74
C26 9IQ C . 13.21 -0.22 6.38
C27 9IQ C . 8.44 1.40 6.81
C28 9IQ C . 11.59 1.63 10.71
O29 9IQ C . 12.01 2.72 11.07
C29 9IQ C . 9.03 -2.72 1.40
C30 9IQ C . 12.62 -1.18 14.78
C31 9IQ C . 8.60 -2.14 11.85
#